data_4B29
#
_entry.id   4B29
#
_cell.length_a   145.540
_cell.length_b   145.540
_cell.length_c   145.540
_cell.angle_alpha   90.00
_cell.angle_beta   90.00
_cell.angle_gamma   90.00
#
_symmetry.space_group_name_H-M   'I 21 3'
#
loop_
_entity.id
_entity.type
_entity.pdbx_description
1 polymer 'DIMETHYLSULFONIOPROPIONATE LYASE'
2 non-polymer 'PHOSPHATE ION'
3 non-polymer 1,2-ETHANEDIOL
4 non-polymer 'BROMIDE ION'
5 non-polymer 'ZINC ION'
6 non-polymer 'NICKEL (II) ION'
7 water water
#
_entity_poly.entity_id   1
_entity_poly.type   'polypeptide(L)'
_entity_poly.pdbx_seq_one_letter_code
;MGSSHHHHHHSSGLVPRGSHMASGRAALTHLLEAARDWHEALPEFRAFATWPEDLRWADRPAHALPVIDHLTRDPGHASD
QSQPLRDALVAAAPHVEWRHSYTEAEVGRDFLNRFGWFELAGPSGHFLTQSLRVTVGYWGPGLDYGWHEHLPEELYSVVS
GRALFHLRNAPDLMLEPGQTRFHPANAPHAMTTLTDPILTLVLWRGAGLGDDPRMSQ
;
_entity_poly.pdbx_strand_id   A
#
# COMPACT_ATOMS: atom_id res chain seq x y z
N SER A 23 9.47 -6.59 -19.63
CA SER A 23 8.06 -6.12 -19.93
C SER A 23 7.36 -5.67 -18.64
N GLY A 24 7.06 -4.36 -18.62
CA GLY A 24 6.22 -3.75 -17.54
C GLY A 24 4.87 -4.42 -17.52
N ARG A 25 4.28 -4.61 -18.71
CA ARG A 25 2.94 -5.23 -18.74
C ARG A 25 2.93 -6.62 -18.11
N ALA A 26 3.95 -7.43 -18.38
CA ALA A 26 3.96 -8.76 -17.86
C ALA A 26 4.14 -8.75 -16.31
N ALA A 27 5.04 -7.90 -15.85
CA ALA A 27 5.40 -7.83 -14.40
C ALA A 27 4.15 -7.32 -13.65
N LEU A 28 3.45 -6.33 -14.21
CA LEU A 28 2.25 -5.79 -13.52
C LEU A 28 1.09 -6.75 -13.58
N THR A 29 0.98 -7.51 -14.68
CA THR A 29 -0.08 -8.51 -14.77
C THR A 29 0.15 -9.64 -13.76
N HIS A 30 1.44 -10.03 -13.60
CA HIS A 30 1.77 -11.07 -12.64
C HIS A 30 1.46 -10.53 -11.22
N LEU A 31 1.79 -9.26 -11.00
CA LEU A 31 1.52 -8.62 -9.69
C LEU A 31 0.01 -8.60 -9.46
N LEU A 32 -0.79 -8.24 -10.47
CA LEU A 32 -2.23 -8.23 -10.25
C LEU A 32 -2.77 -9.59 -9.86
N GLU A 33 -2.25 -10.66 -10.50
CA GLU A 33 -2.67 -12.01 -10.16
CA GLU A 33 -2.67 -12.01 -10.16
C GLU A 33 -2.34 -12.33 -8.69
N ALA A 34 -1.15 -11.93 -8.27
CA ALA A 34 -0.71 -12.19 -6.90
C ALA A 34 -1.58 -11.40 -5.93
N ALA A 35 -1.97 -10.19 -6.32
CA ALA A 35 -2.85 -9.37 -5.45
C ALA A 35 -4.24 -9.98 -5.36
N ARG A 36 -4.76 -10.52 -6.47
CA ARG A 36 -6.05 -11.14 -6.47
C ARG A 36 -6.04 -12.39 -5.57
N ASP A 37 -4.97 -13.16 -5.68
CA ASP A 37 -4.86 -14.38 -4.87
C ASP A 37 -4.81 -14.00 -3.37
N TRP A 38 -4.09 -12.92 -3.08
CA TRP A 38 -3.94 -12.39 -1.69
C TRP A 38 -5.34 -11.99 -1.18
N HIS A 39 -6.06 -11.20 -2.00
CA HIS A 39 -7.41 -10.83 -1.61
C HIS A 39 -8.31 -12.03 -1.32
N GLU A 40 -8.27 -13.04 -2.22
CA GLU A 40 -9.13 -14.22 -2.10
CA GLU A 40 -9.18 -14.16 -2.08
C GLU A 40 -8.79 -14.96 -0.82
N ALA A 41 -7.50 -14.96 -0.48
CA ALA A 41 -7.04 -15.73 0.69
C ALA A 41 -7.31 -15.03 2.03
N LEU A 42 -7.65 -13.74 2.01
CA LEU A 42 -7.84 -12.95 3.27
C LEU A 42 -9.35 -12.69 3.50
N PRO A 43 -9.97 -13.39 4.47
CA PRO A 43 -11.42 -13.13 4.71
C PRO A 43 -11.75 -11.65 4.98
N GLU A 44 -10.85 -10.91 5.65
CA GLU A 44 -11.17 -9.51 5.91
C GLU A 44 -11.22 -8.73 4.59
N PHE A 45 -10.36 -9.09 3.63
CA PHE A 45 -10.38 -8.40 2.33
C PHE A 45 -11.67 -8.76 1.61
N ARG A 46 -12.06 -10.04 1.58
CA ARG A 46 -13.32 -10.44 0.93
CA ARG A 46 -13.32 -10.41 0.91
C ARG A 46 -14.52 -9.74 1.55
N ALA A 47 -14.48 -9.57 2.88
CA ALA A 47 -15.58 -8.87 3.56
C ALA A 47 -15.65 -7.38 3.19
N PHE A 48 -14.51 -6.77 2.90
CA PHE A 48 -14.45 -5.34 2.68
C PHE A 48 -14.89 -5.00 1.26
N ALA A 49 -14.52 -5.83 0.30
CA ALA A 49 -14.88 -5.53 -1.13
C ALA A 49 -14.81 -6.78 -1.97
N THR A 50 -15.72 -6.91 -2.93
CA THR A 50 -15.62 -7.98 -3.91
C THR A 50 -14.51 -7.62 -4.91
N TRP A 51 -13.75 -8.60 -5.36
CA TRP A 51 -12.71 -8.30 -6.34
C TRP A 51 -13.39 -7.96 -7.66
N PRO A 52 -13.03 -6.83 -8.29
CA PRO A 52 -13.77 -6.36 -9.49
C PRO A 52 -13.56 -7.30 -10.69
N GLU A 53 -14.59 -7.46 -11.52
CA GLU A 53 -14.48 -8.29 -12.69
C GLU A 53 -14.10 -7.43 -13.92
N ASP A 54 -13.94 -6.12 -13.75
CA ASP A 54 -13.74 -5.24 -14.90
C ASP A 54 -12.38 -4.56 -14.98
N LEU A 55 -11.37 -5.06 -14.27
CA LEU A 55 -10.07 -4.38 -14.25
C LEU A 55 -9.46 -4.43 -15.66
N ARG A 56 -9.00 -3.27 -16.12
CA ARG A 56 -8.45 -3.10 -17.50
C ARG A 56 -7.05 -2.51 -17.42
N TRP A 57 -6.10 -3.12 -18.13
CA TRP A 57 -4.76 -2.54 -18.28
C TRP A 57 -4.81 -1.08 -18.73
N ALA A 58 -4.17 -0.18 -18.00
CA ALA A 58 -4.28 1.27 -18.25
C ALA A 58 -3.18 1.80 -19.18
N ASP A 59 -2.12 1.00 -19.33
CA ASP A 59 -0.85 1.44 -19.95
C ASP A 59 -0.30 2.74 -19.34
N ARG A 60 -0.25 2.77 -18.01
CA ARG A 60 0.27 3.93 -17.33
C ARG A 60 1.81 3.76 -17.26
N PRO A 61 2.57 4.79 -17.55
CA PRO A 61 4.05 4.59 -17.57
C PRO A 61 4.65 4.57 -16.17
N ALA A 62 5.84 3.98 -16.10
CA ALA A 62 6.60 3.91 -14.85
C ALA A 62 7.03 5.31 -14.46
N HIS A 63 7.19 5.51 -13.17
CA HIS A 63 7.77 6.74 -12.67
C HIS A 63 8.63 6.34 -11.49
N ALA A 64 9.95 6.49 -11.67
CA ALA A 64 10.92 6.07 -10.63
C ALA A 64 11.03 7.08 -9.49
N LEU A 65 11.14 6.57 -8.26
CA LEU A 65 11.50 7.41 -7.10
C LEU A 65 12.59 6.64 -6.34
N PRO A 66 13.33 7.34 -5.47
CA PRO A 66 14.45 6.71 -4.77
C PRO A 66 14.08 5.47 -3.96
N VAL A 67 12.79 5.38 -3.55
CA VAL A 67 12.36 4.22 -2.80
C VAL A 67 12.64 2.89 -3.48
N ILE A 68 12.68 2.84 -4.82
CA ILE A 68 12.87 1.59 -5.50
C ILE A 68 14.08 0.78 -4.98
N ASP A 69 15.21 1.45 -4.83
CA ASP A 69 16.41 0.73 -4.44
C ASP A 69 16.31 0.21 -2.99
N HIS A 70 15.62 0.95 -2.14
CA HIS A 70 15.42 0.52 -0.73
C HIS A 70 14.51 -0.66 -0.67
N LEU A 71 13.38 -0.60 -1.39
CA LEU A 71 12.49 -1.73 -1.44
C LEU A 71 13.18 -2.97 -1.99
N THR A 72 13.98 -2.81 -3.05
CA THR A 72 14.57 -3.94 -3.72
C THR A 72 15.63 -4.60 -2.80
N ARG A 73 16.43 -3.79 -2.13
CA ARG A 73 17.46 -4.34 -1.21
C ARG A 73 16.88 -4.89 0.09
N ASP A 74 15.76 -4.31 0.53
CA ASP A 74 15.27 -4.59 1.89
C ASP A 74 13.72 -4.63 1.88
N PRO A 75 13.11 -5.63 1.20
CA PRO A 75 11.62 -5.58 1.11
C PRO A 75 10.94 -6.02 2.41
N GLY A 76 11.70 -6.64 3.32
CA GLY A 76 11.06 -7.10 4.58
C GLY A 76 10.87 -8.58 4.58
N HIS A 77 10.90 -9.16 5.77
CA HIS A 77 10.59 -10.58 5.94
C HIS A 77 9.16 -10.92 5.46
N ALA A 78 9.03 -11.99 4.68
CA ALA A 78 7.73 -12.51 4.26
C ALA A 78 7.36 -13.80 4.95
N SER A 79 6.08 -14.06 5.11
CA SER A 79 5.65 -15.41 5.47
C SER A 79 5.66 -16.27 4.21
N ASP A 80 5.50 -17.58 4.35
CA ASP A 80 5.43 -18.42 3.16
C ASP A 80 4.22 -17.99 2.31
N GLN A 81 3.14 -17.57 2.98
CA GLN A 81 1.92 -17.13 2.28
C GLN A 81 2.09 -15.79 1.57
N SER A 82 2.94 -14.93 2.09
CA SER A 82 3.05 -13.56 1.52
C SER A 82 4.25 -13.41 0.59
N GLN A 83 5.12 -14.42 0.56
CA GLN A 83 6.33 -14.33 -0.29
C GLN A 83 6.03 -14.11 -1.79
N PRO A 84 5.04 -14.80 -2.35
CA PRO A 84 4.77 -14.59 -3.80
C PRO A 84 4.41 -13.13 -4.09
N LEU A 85 3.56 -12.55 -3.22
CA LEU A 85 3.16 -11.13 -3.41
C LEU A 85 4.31 -10.20 -3.18
N ARG A 86 5.12 -10.45 -2.12
CA ARG A 86 6.25 -9.58 -1.89
C ARG A 86 7.19 -9.60 -3.13
N ASP A 87 7.50 -10.80 -3.60
CA ASP A 87 8.46 -10.91 -4.74
C ASP A 87 7.87 -10.29 -6.00
N ALA A 88 6.55 -10.43 -6.17
CA ALA A 88 5.90 -9.78 -7.33
C ALA A 88 5.99 -8.27 -7.24
N LEU A 89 5.90 -7.71 -6.02
CA LEU A 89 5.99 -6.29 -5.82
C LEU A 89 7.40 -5.80 -6.11
N VAL A 90 8.39 -6.55 -5.63
CA VAL A 90 9.79 -6.17 -5.89
C VAL A 90 10.05 -6.19 -7.43
N ALA A 91 9.54 -7.21 -8.11
CA ALA A 91 9.73 -7.33 -9.58
C ALA A 91 9.00 -6.22 -10.34
N ALA A 92 7.87 -5.76 -9.79
CA ALA A 92 7.11 -4.64 -10.38
C ALA A 92 7.70 -3.28 -10.15
N ALA A 93 8.57 -3.15 -9.14
CA ALA A 93 9.00 -1.83 -8.71
C ALA A 93 9.55 -0.91 -9.82
N PRO A 94 10.34 -1.46 -10.78
CA PRO A 94 10.86 -0.57 -11.85
C PRO A 94 9.84 -0.20 -12.91
N HIS A 95 8.61 -0.65 -12.73
CA HIS A 95 7.57 -0.53 -13.78
C HIS A 95 6.36 0.24 -13.31
N VAL A 96 6.30 0.58 -12.03
CA VAL A 96 5.12 1.28 -11.52
C VAL A 96 5.29 2.76 -11.45
N GLU A 97 4.17 3.48 -11.34
CA GLU A 97 4.18 4.90 -11.16
C GLU A 97 4.23 5.26 -9.66
N TRP A 98 5.45 5.48 -9.13
CA TRP A 98 5.62 5.83 -7.73
C TRP A 98 5.22 7.25 -7.47
N ARG A 99 4.62 7.43 -6.28
N ARG A 99 4.50 7.52 -6.40
CA ARG A 99 4.10 8.69 -5.78
CA ARG A 99 3.85 8.82 -6.35
C ARG A 99 4.57 8.96 -4.34
C ARG A 99 4.40 9.77 -5.33
N HIS A 100 4.58 10.24 -3.97
N HIS A 100 4.34 11.07 -5.65
CA HIS A 100 5.02 10.68 -2.63
CA HIS A 100 4.45 12.07 -4.61
C HIS A 100 3.90 11.34 -1.83
C HIS A 100 3.17 11.96 -3.73
N SER A 101 3.24 12.32 -2.46
CA SER A 101 2.07 12.93 -1.81
C SER A 101 2.49 14.09 -0.90
N TYR A 102 3.48 13.89 -0.05
CA TYR A 102 3.77 14.90 0.97
C TYR A 102 4.99 15.73 0.58
N THR A 103 5.07 16.89 1.20
CA THR A 103 6.21 17.80 0.97
C THR A 103 7.34 17.52 1.92
N GLU A 104 8.51 18.06 1.57
CA GLU A 104 9.66 17.94 2.45
C GLU A 104 9.38 18.57 3.82
N ALA A 105 8.67 19.69 3.84
CA ALA A 105 8.32 20.35 5.09
C ALA A 105 7.47 19.46 5.98
N GLU A 106 6.58 18.69 5.36
CA GLU A 106 5.66 17.83 6.11
C GLU A 106 6.33 16.60 6.69
N VAL A 107 7.20 15.94 5.93
CA VAL A 107 7.75 14.64 6.35
C VAL A 107 9.27 14.51 6.40
N GLY A 108 9.98 15.44 5.77
CA GLY A 108 11.44 15.42 5.76
C GLY A 108 12.01 14.66 4.59
N ARG A 109 13.21 15.04 4.18
CA ARG A 109 13.85 14.37 3.04
C ARG A 109 14.13 12.86 3.20
N ASP A 110 14.54 12.41 4.39
CA ASP A 110 14.85 11.01 4.61
C ASP A 110 13.58 10.14 4.36
N PHE A 111 12.47 10.62 4.87
CA PHE A 111 11.16 9.91 4.71
C PHE A 111 10.85 9.85 3.20
N LEU A 112 10.99 10.98 2.49
CA LEU A 112 10.75 10.98 1.02
C LEU A 112 11.68 10.06 0.26
N ASN A 113 12.93 9.93 0.70
CA ASN A 113 13.86 9.01 0.05
C ASN A 113 13.52 7.55 0.24
N ARG A 114 12.96 7.21 1.39
CA ARG A 114 12.87 5.81 1.79
C ARG A 114 11.41 5.35 1.96
N PHE A 115 10.50 6.11 1.41
CA PHE A 115 9.09 5.68 1.36
C PHE A 115 8.53 6.01 -0.01
N GLY A 116 7.53 5.26 -0.44
CA GLY A 116 6.71 5.75 -1.59
C GLY A 116 5.48 4.87 -1.69
N TRP A 117 4.59 5.21 -2.59
CA TRP A 117 3.39 4.39 -2.78
C TRP A 117 2.99 4.42 -4.25
N PHE A 118 2.11 3.49 -4.62
CA PHE A 118 1.55 3.57 -5.97
C PHE A 118 0.16 2.97 -5.95
N GLU A 119 -0.61 3.22 -7.02
CA GLU A 119 -1.98 2.68 -7.10
C GLU A 119 -1.97 1.54 -8.08
N LEU A 120 -2.18 0.32 -7.58
CA LEU A 120 -2.15 -0.83 -8.45
C LEU A 120 -3.42 -0.89 -9.28
N ALA A 121 -4.56 -0.69 -8.62
CA ALA A 121 -5.87 -0.83 -9.32
C ALA A 121 -6.77 0.27 -8.78
N GLY A 122 -7.55 0.88 -9.68
CA GLY A 122 -8.50 1.86 -9.21
C GLY A 122 -8.70 2.91 -10.30
N PRO A 123 -9.29 4.04 -9.94
CA PRO A 123 -9.61 5.04 -10.98
C PRO A 123 -8.34 5.49 -11.73
N SER A 124 -7.21 5.56 -11.03
CA SER A 124 -5.93 5.93 -11.68
C SER A 124 -4.83 4.87 -11.43
N GLY A 125 -5.26 3.63 -11.40
CA GLY A 125 -4.37 2.50 -11.18
C GLY A 125 -3.61 2.10 -12.44
N HIS A 126 -2.65 1.21 -12.30
CA HIS A 126 -2.10 0.54 -13.48
C HIS A 126 -3.16 -0.37 -14.14
N PHE A 127 -4.18 -0.77 -13.37
CA PHE A 127 -5.36 -1.35 -13.96
C PHE A 127 -6.52 -0.50 -13.52
N LEU A 128 -7.38 -0.15 -14.48
CA LEU A 128 -8.50 0.77 -14.19
C LEU A 128 -9.73 0.03 -13.75
N THR A 129 -10.36 0.59 -12.70
CA THR A 129 -11.69 0.15 -12.25
C THR A 129 -12.23 1.28 -11.38
N GLN A 130 -13.56 1.32 -11.28
CA GLN A 130 -14.22 2.23 -10.34
C GLN A 130 -14.80 1.46 -9.15
N SER A 131 -14.62 0.13 -9.13
CA SER A 131 -15.28 -0.72 -8.10
C SER A 131 -14.45 -0.83 -6.83
N LEU A 132 -13.16 -0.55 -6.95
CA LEU A 132 -12.27 -0.72 -5.79
C LEU A 132 -11.07 0.17 -6.03
N ARG A 133 -10.30 0.42 -4.97
CA ARG A 133 -9.00 1.03 -5.16
C ARG A 133 -8.01 0.22 -4.32
N VAL A 134 -6.88 -0.11 -4.94
CA VAL A 134 -5.85 -0.95 -4.28
C VAL A 134 -4.55 -0.15 -4.39
N THR A 135 -3.96 0.19 -3.24
CA THR A 135 -2.68 0.89 -3.25
C THR A 135 -1.62 0.07 -2.51
N VAL A 136 -0.36 0.42 -2.76
CA VAL A 136 0.76 -0.29 -2.13
C VAL A 136 1.69 0.77 -1.54
N GLY A 137 2.22 0.55 -0.31
CA GLY A 137 3.14 1.52 0.28
C GLY A 137 4.37 0.77 0.78
N TYR A 138 5.53 1.43 0.76
CA TYR A 138 6.76 0.89 1.37
C TYR A 138 7.35 1.97 2.24
N TRP A 139 7.79 1.58 3.44
CA TRP A 139 8.54 2.47 4.31
C TRP A 139 9.78 1.74 4.81
N GLY A 140 10.93 2.39 4.66
CA GLY A 140 12.15 1.74 5.22
C GLY A 140 12.12 1.81 6.76
N PRO A 141 13.10 1.16 7.41
CA PRO A 141 13.16 1.22 8.87
C PRO A 141 13.31 2.62 9.43
N GLY A 142 12.88 2.80 10.68
CA GLY A 142 13.13 4.06 11.38
C GLY A 142 12.40 5.27 10.88
N LEU A 143 11.17 5.05 10.38
CA LEU A 143 10.35 6.17 9.90
C LEU A 143 9.11 6.32 10.74
N ASP A 144 8.69 7.57 10.92
CA ASP A 144 7.47 7.86 11.65
CA ASP A 144 7.49 7.92 11.67
C ASP A 144 6.53 8.57 10.69
N TYR A 145 5.52 7.84 10.25
CA TYR A 145 4.47 8.40 9.38
C TYR A 145 3.46 8.95 10.33
N GLY A 146 3.41 10.28 10.44
CA GLY A 146 2.59 10.93 11.48
C GLY A 146 1.09 10.86 11.19
N TRP A 147 0.31 11.40 12.11
CA TRP A 147 -1.16 11.34 12.03
C TRP A 147 -1.66 11.91 10.69
N HIS A 148 -2.45 11.11 9.99
CA HIS A 148 -2.99 11.55 8.69
C HIS A 148 -4.39 10.96 8.57
N GLU A 149 -5.18 11.48 7.61
CA GLU A 149 -6.58 11.11 7.62
C GLU A 149 -7.18 11.36 6.23
N HIS A 150 -8.37 10.80 6.03
CA HIS A 150 -9.07 10.98 4.76
C HIS A 150 -10.50 10.48 4.93
N LEU A 151 -11.41 11.01 4.09
CA LEU A 151 -12.79 10.55 4.17
C LEU A 151 -13.01 9.02 3.87
N PRO A 152 -12.42 8.46 2.78
CA PRO A 152 -12.72 7.06 2.45
C PRO A 152 -12.21 6.10 3.53
N GLU A 153 -12.93 5.02 3.67
CA GLU A 153 -12.45 3.90 4.54
C GLU A 153 -11.30 3.19 3.89
N GLU A 154 -10.47 2.52 4.70
CA GLU A 154 -9.30 1.86 4.14
C GLU A 154 -9.09 0.59 4.95
N LEU A 155 -8.56 -0.45 4.30
CA LEU A 155 -8.24 -1.73 4.98
C LEU A 155 -6.80 -2.04 4.61
N TYR A 156 -5.89 -1.89 5.60
CA TYR A 156 -4.50 -2.23 5.38
C TYR A 156 -4.30 -3.75 5.46
N SER A 157 -3.31 -4.25 4.67
CA SER A 157 -2.70 -5.57 4.97
C SER A 157 -1.21 -5.35 4.94
N VAL A 158 -0.51 -6.20 5.73
CA VAL A 158 0.94 -6.20 5.65
C VAL A 158 1.43 -7.32 4.72
N VAL A 159 2.32 -6.97 3.79
CA VAL A 159 2.85 -7.98 2.88
C VAL A 159 4.15 -8.51 3.43
N SER A 160 5.00 -7.60 3.84
CA SER A 160 6.30 -8.06 4.41
C SER A 160 6.81 -7.02 5.36
N GLY A 161 7.75 -7.42 6.23
CA GLY A 161 8.21 -6.46 7.24
C GLY A 161 7.21 -6.42 8.39
N ARG A 162 7.21 -5.31 9.11
CA ARG A 162 6.31 -5.13 10.27
C ARG A 162 6.37 -3.69 10.72
N ALA A 163 5.29 -3.23 11.35
CA ALA A 163 5.28 -1.87 11.86
C ALA A 163 4.22 -1.70 12.95
N LEU A 164 4.35 -0.59 13.67
CA LEU A 164 3.40 -0.26 14.74
C LEU A 164 2.37 0.70 14.18
N PHE A 165 1.10 0.28 14.26
CA PHE A 165 -0.04 1.04 13.72
C PHE A 165 -0.84 1.74 14.79
N HIS A 166 -1.03 3.05 14.60
CA HIS A 166 -1.75 3.93 15.52
C HIS A 166 -3.08 4.35 14.89
N LEU A 167 -4.11 4.41 15.70
CA LEU A 167 -5.43 4.88 15.20
C LEU A 167 -6.15 5.60 16.30
N ARG A 168 -6.69 6.79 16.01
CA ARG A 168 -7.39 7.52 17.07
C ARG A 168 -8.55 6.66 17.61
N ASN A 169 -8.71 6.71 18.94
CA ASN A 169 -9.82 6.02 19.59
C ASN A 169 -9.70 4.49 19.46
N ALA A 170 -8.49 3.98 19.26
CA ALA A 170 -8.30 2.53 19.14
C ALA A 170 -6.91 2.15 19.67
N PRO A 171 -6.68 0.85 19.91
CA PRO A 171 -5.36 0.42 20.42
C PRO A 171 -4.26 0.56 19.38
N ASP A 172 -3.02 0.65 19.84
CA ASP A 172 -1.89 0.45 18.93
C ASP A 172 -1.76 -1.04 18.63
N LEU A 173 -1.39 -1.37 17.40
CA LEU A 173 -1.20 -2.80 16.99
C LEU A 173 0.11 -2.93 16.25
N MET A 174 0.91 -3.94 16.61
CA MET A 174 2.12 -4.21 15.85
C MET A 174 1.77 -5.29 14.85
N LEU A 175 1.78 -4.94 13.55
CA LEU A 175 1.29 -5.89 12.54
C LEU A 175 2.39 -6.50 11.71
N GLU A 176 2.22 -7.81 11.46
CA GLU A 176 3.16 -8.65 10.72
C GLU A 176 2.43 -9.18 9.48
N PRO A 177 3.16 -9.88 8.59
CA PRO A 177 2.56 -10.26 7.27
C PRO A 177 1.24 -11.01 7.31
N GLY A 178 0.26 -10.49 6.56
CA GLY A 178 -1.06 -11.07 6.48
C GLY A 178 -2.08 -10.47 7.46
N GLN A 179 -1.59 -9.77 8.50
CA GLN A 179 -2.50 -9.10 9.42
C GLN A 179 -3.09 -7.88 8.70
N THR A 180 -4.25 -7.45 9.18
CA THR A 180 -4.97 -6.32 8.54
C THR A 180 -5.41 -5.32 9.56
N ARG A 181 -5.78 -4.12 9.10
CA ARG A 181 -6.41 -3.19 10.01
C ARG A 181 -7.38 -2.28 9.26
N PHE A 182 -8.60 -2.14 9.81
CA PHE A 182 -9.61 -1.24 9.21
C PHE A 182 -9.45 0.19 9.76
N HIS A 183 -9.45 1.18 8.87
CA HIS A 183 -9.46 2.58 9.29
C HIS A 183 -10.79 3.20 8.90
N PRO A 184 -11.62 3.53 9.89
CA PRO A 184 -12.92 4.10 9.56
C PRO A 184 -12.76 5.49 8.96
N ALA A 185 -13.82 5.92 8.27
CA ALA A 185 -13.78 7.24 7.64
C ALA A 185 -13.34 8.36 8.57
N ASN A 186 -12.42 9.20 8.07
CA ASN A 186 -11.95 10.43 8.76
C ASN A 186 -11.16 10.15 10.07
N ALA A 187 -10.95 8.88 10.43
CA ALA A 187 -10.24 8.62 11.70
C ALA A 187 -8.73 8.80 11.48
N PRO A 188 -8.06 9.70 12.23
CA PRO A 188 -6.63 9.83 11.98
C PRO A 188 -5.87 8.57 12.38
N HIS A 189 -4.84 8.27 11.61
CA HIS A 189 -4.02 7.08 11.88
C HIS A 189 -2.57 7.43 11.63
N ALA A 190 -1.67 6.58 12.09
CA ALA A 190 -0.24 6.82 11.89
C ALA A 190 0.49 5.50 11.99
N MET A 191 1.78 5.50 11.64
CA MET A 191 2.50 4.23 11.64
C MET A 191 3.99 4.50 11.87
N THR A 192 4.66 3.63 12.62
CA THR A 192 6.09 3.78 12.89
C THR A 192 6.79 2.48 12.50
N THR A 193 7.85 2.60 11.71
CA THR A 193 8.71 1.43 11.51
C THR A 193 9.90 1.58 12.51
N LEU A 194 10.30 0.44 13.01
CA LEU A 194 11.44 0.36 13.95
C LEU A 194 12.62 -0.21 13.17
N THR A 195 13.06 -1.43 13.49
CA THR A 195 14.23 -2.02 12.88
C THR A 195 13.99 -2.64 11.48
N ASP A 196 12.73 -2.92 11.18
CA ASP A 196 12.35 -3.58 9.94
C ASP A 196 11.60 -2.57 9.07
N PRO A 197 11.70 -2.73 7.75
CA PRO A 197 10.84 -1.93 6.84
C PRO A 197 9.41 -2.51 6.91
N ILE A 198 8.49 -1.92 6.12
CA ILE A 198 7.19 -2.57 5.92
C ILE A 198 6.72 -2.29 4.50
N LEU A 199 6.11 -3.31 3.91
CA LEU A 199 5.52 -3.22 2.56
C LEU A 199 4.05 -3.60 2.74
N THR A 200 3.13 -2.74 2.25
CA THR A 200 1.68 -2.93 2.54
C THR A 200 0.89 -2.97 1.24
N LEU A 201 -0.28 -3.58 1.32
CA LEU A 201 -1.21 -3.56 0.17
C LEU A 201 -2.58 -3.23 0.81
N VAL A 202 -3.24 -2.21 0.28
CA VAL A 202 -4.34 -1.56 1.03
C VAL A 202 -5.56 -1.43 0.11
N LEU A 203 -6.72 -1.72 0.64
CA LEU A 203 -7.98 -1.48 -0.10
C LEU A 203 -8.67 -0.21 0.42
N TRP A 204 -9.45 0.42 -0.48
CA TRP A 204 -10.19 1.65 -0.08
C TRP A 204 -11.60 1.53 -0.58
N ARG A 205 -12.55 2.08 0.20
CA ARG A 205 -13.93 2.10 -0.25
C ARG A 205 -14.69 3.27 0.35
N GLY A 206 -15.89 3.51 -0.20
CA GLY A 206 -16.83 4.40 0.52
C GLY A 206 -16.87 5.81 -0.04
N ALA A 207 -17.56 6.69 0.68
CA ALA A 207 -17.56 8.12 0.33
C ALA A 207 -16.15 8.65 0.24
N GLY A 208 -15.90 9.48 -0.77
CA GLY A 208 -14.57 10.06 -0.88
C GLY A 208 -13.53 9.15 -1.54
N LEU A 209 -13.95 7.99 -2.04
CA LEU A 209 -13.01 7.09 -2.76
C LEU A 209 -12.23 7.89 -3.83
N GLY A 210 -10.92 7.70 -3.86
CA GLY A 210 -10.07 8.48 -4.77
C GLY A 210 -9.41 9.66 -4.11
N ASP A 211 -9.89 10.05 -2.91
CA ASP A 211 -9.15 11.06 -2.13
C ASP A 211 -7.81 10.51 -1.64
N ASP A 212 -6.84 11.40 -1.51
CA ASP A 212 -5.56 11.00 -0.93
C ASP A 212 -5.52 11.45 0.52
N PRO A 213 -4.63 10.83 1.31
CA PRO A 213 -4.52 11.25 2.71
C PRO A 213 -3.96 12.67 2.81
N ARG A 214 -4.32 13.35 3.89
CA ARG A 214 -3.70 14.61 4.29
C ARG A 214 -3.19 14.46 5.73
N MET A 215 -2.10 15.15 6.04
CA MET A 215 -1.62 15.16 7.43
C MET A 215 -2.65 15.85 8.32
N SER A 216 -2.88 15.31 9.53
CA SER A 216 -3.87 15.86 10.45
C SER A 216 -3.35 17.19 11.04
N GLN A 217 -4.26 18.13 11.28
CA GLN A 217 -3.89 19.50 11.76
C GLN A 217 -4.33 19.71 13.21
#